data_7LB0
#
_entry.id   7LB0
#
_cell.length_a   45.258
_cell.length_b   54.735
_cell.length_c   122.968
_cell.angle_alpha   90.000
_cell.angle_beta   90.000
_cell.angle_gamma   90.000
#
_symmetry.space_group_name_H-M   'P 21 21 21'
#
loop_
_entity.id
_entity.type
_entity.pdbx_description
1 polymer 'Transcription initiation factor TFIID subunit 1'
2 non-polymer 1-{6-[(3R)-3-methylmorpholin-4-yl]-2-(1H-pyrrolo[2,3-b]pyridin-4-yl)pyrimidin-4-yl}cyclopropane-1-sulfonamide
3 non-polymer 1,2-ETHANEDIOL
4 water water
#
_entity_poly.entity_id   1
_entity_poly.type   'polypeptide(L)'
_entity_poly.pdbx_seq_one_letter_code
;SMSIHRRRTDPMVTLSSILESIINDMRDLPNTYPFHTPVNAKVVKDYYKIITRPMDLQTLRENVRKRLYPSREEFREHLE
LIVKNSATYNGPKHSLTQISQSMLDLCDEKLKEKEDKLARLEKAINPLLDDDDQVAFSFILDNIVTQKMMAVPDSWPFHH
PVNKKFVPDYYKVIVNPMDLETIRKNISKHKYQSRESFLDDVNLILANSVKYNGPESQYTKTAQEIVNVCYQTLTEYDEH
LTQLEKDICTAKEAALEEAELESLD
;
_entity_poly.pdbx_strand_id   A
#
loop_
_chem_comp.id
_chem_comp.type
_chem_comp.name
_chem_comp.formula
EDO non-polymer 1,2-ETHANEDIOL 'C2 H6 O2'
XXV non-polymer 1-{6-[(3R)-3-methylmorpholin-4-yl]-2-(1H-pyrrolo[2,3-b]pyridin-4-yl)pyrimidin-4-yl}cyclopropane-1-sulfonamide 'C19 H22 N6 O3 S'
#
# COMPACT_ATOMS: atom_id res chain seq x y z
N THR A 9 -15.12 15.85 -19.46
CA THR A 9 -14.98 16.08 -18.02
C THR A 9 -13.93 15.15 -17.39
N ASP A 10 -12.78 15.74 -17.01
CA ASP A 10 -11.61 15.01 -16.51
C ASP A 10 -12.00 14.16 -15.31
N PRO A 11 -11.96 12.83 -15.46
CA PRO A 11 -12.39 11.96 -14.36
C PRO A 11 -11.53 12.10 -13.11
N MET A 12 -10.29 12.57 -13.26
CA MET A 12 -9.45 12.82 -12.10
C MET A 12 -10.02 13.96 -11.25
N VAL A 13 -10.63 14.96 -11.90
CA VAL A 13 -11.25 16.06 -11.18
C VAL A 13 -12.49 15.60 -10.42
N THR A 14 -13.36 14.84 -11.09
CA THR A 14 -14.57 14.31 -10.45
C THR A 14 -14.22 13.43 -9.27
N LEU A 15 -13.27 12.51 -9.48
CA LEU A 15 -12.82 11.65 -8.39
C LEU A 15 -12.34 12.51 -7.22
N SER A 16 -11.52 13.51 -7.50
CA SER A 16 -10.99 14.36 -6.45
C SER A 16 -12.12 15.06 -5.68
N SER A 17 -13.20 15.44 -6.39
CA SER A 17 -14.30 16.10 -5.70
C SER A 17 -15.03 15.16 -4.77
N ILE A 18 -15.20 13.89 -5.18
CA ILE A 18 -15.79 12.88 -4.30
C ILE A 18 -14.91 12.64 -3.07
N LEU A 19 -13.60 12.51 -3.28
CA LEU A 19 -12.70 12.25 -2.15
C LEU A 19 -12.70 13.41 -1.16
N GLU A 20 -12.67 14.65 -1.68
CA GLU A 20 -12.74 15.82 -0.83
C GLU A 20 -14.04 15.84 -0.05
N SER A 21 -15.15 15.43 -0.68
CA SER A 21 -16.41 15.38 0.04
C SER A 21 -16.34 14.37 1.18
N ILE A 22 -15.65 13.25 0.96
CA ILE A 22 -15.49 12.29 2.03
C ILE A 22 -14.67 12.89 3.17
N ILE A 23 -13.62 13.64 2.83
CA ILE A 23 -12.83 14.33 3.87
C ILE A 23 -13.71 15.29 4.66
N ASN A 24 -14.56 16.05 3.98
CA ASN A 24 -15.48 16.93 4.68
C ASN A 24 -16.34 16.15 5.66
N ASP A 25 -16.83 14.98 5.24
CA ASP A 25 -17.71 14.20 6.10
C ASP A 25 -16.97 13.64 7.32
N MET A 26 -15.73 13.15 7.14
CA MET A 26 -14.99 12.68 8.31
C MET A 26 -14.53 13.82 9.22
N ARG A 27 -14.20 14.99 8.66
CA ARG A 27 -13.84 16.12 9.51
C ARG A 27 -14.97 16.47 10.47
N ASP A 28 -16.21 16.26 10.03
CA ASP A 28 -17.40 16.55 10.82
C ASP A 28 -17.70 15.52 11.89
N LEU A 29 -16.97 14.42 12.00
CA LEU A 29 -17.30 13.49 13.07
C LEU A 29 -16.86 14.05 14.43
N PRO A 30 -17.53 13.67 15.52
CA PRO A 30 -17.16 14.22 16.83
C PRO A 30 -15.74 13.88 17.25
N ASN A 31 -15.09 14.86 17.86
CA ASN A 31 -13.80 14.73 18.53
C ASN A 31 -12.66 14.46 17.57
N THR A 32 -12.83 14.74 16.27
CA THR A 32 -11.82 14.42 15.28
C THR A 32 -10.73 15.49 15.13
N TYR A 33 -10.87 16.63 15.79
CA TYR A 33 -9.92 17.72 15.55
C TYR A 33 -8.45 17.32 15.67
N PRO A 34 -8.01 16.47 16.61
CA PRO A 34 -6.58 16.12 16.70
C PRO A 34 -6.03 15.52 15.41
N PHE A 35 -6.88 15.09 14.49
CA PHE A 35 -6.47 14.51 13.22
C PHE A 35 -6.62 15.46 12.05
N HIS A 36 -7.07 16.69 12.29
CA HIS A 36 -7.30 17.63 11.20
C HIS A 36 -6.01 18.18 10.63
N THR A 37 -4.92 18.20 11.40
CA THR A 37 -3.67 18.81 10.99
C THR A 37 -2.50 17.95 11.45
N PRO A 38 -1.31 18.15 10.89
CA PRO A 38 -0.18 17.30 11.27
C PRO A 38 0.13 17.40 12.76
N VAL A 39 0.54 16.27 13.33
CA VAL A 39 1.13 16.28 14.66
C VAL A 39 2.26 17.30 14.70
N ASN A 40 2.29 18.11 15.76
CA ASN A 40 3.36 19.09 15.99
C ASN A 40 4.52 18.36 16.65
N ALA A 41 5.54 18.00 15.86
CA ALA A 41 6.68 17.24 16.39
C ALA A 41 7.60 18.04 17.31
N LYS A 42 7.42 19.35 17.43
CA LYS A 42 8.17 20.06 18.48
C LYS A 42 7.43 20.04 19.81
N VAL A 43 6.15 19.70 19.81
CA VAL A 43 5.44 19.42 21.04
C VAL A 43 5.51 17.94 21.38
N VAL A 44 5.23 17.08 20.40
CA VAL A 44 5.33 15.62 20.58
C VAL A 44 6.73 15.22 20.12
N LYS A 45 7.69 15.35 21.02
CA LYS A 45 9.09 15.40 20.61
C LYS A 45 9.60 14.05 20.12
N ASP A 46 8.99 12.93 20.53
CA ASP A 46 9.43 11.62 20.10
C ASP A 46 8.61 11.05 18.96
N TYR A 47 7.72 11.87 18.39
CA TYR A 47 6.74 11.33 17.44
C TYR A 47 7.42 10.66 16.25
N TYR A 48 8.42 11.30 15.67
CA TYR A 48 9.07 10.73 14.49
C TYR A 48 10.04 9.61 14.82
N LYS A 49 10.37 9.43 16.09
CA LYS A 49 11.14 8.27 16.50
C LYS A 49 10.27 7.01 16.53
N ILE A 50 8.95 7.19 16.57
CA ILE A 50 8.00 6.09 16.64
C ILE A 50 7.22 5.92 15.34
N ILE A 51 6.87 7.03 14.69
CA ILE A 51 6.01 7.01 13.50
C ILE A 51 6.86 7.27 12.27
N THR A 52 6.63 6.47 11.24
CA THR A 52 7.42 6.57 10.03
C THR A 52 6.72 7.33 8.92
N ARG A 53 5.39 7.24 8.85
CA ARG A 53 4.59 7.82 7.77
C ARG A 53 3.48 8.67 8.37
N PRO A 54 3.80 9.90 8.83
CA PRO A 54 2.75 10.77 9.39
C PRO A 54 1.68 11.09 8.35
N MET A 55 0.45 11.19 8.82
CA MET A 55 -0.63 11.59 7.94
C MET A 55 -1.74 12.23 8.79
N ASP A 56 -2.50 13.10 8.16
CA ASP A 56 -3.58 13.84 8.79
C ASP A 56 -4.54 14.29 7.69
N LEU A 57 -5.70 14.82 8.09
CA LEU A 57 -6.72 15.12 7.09
C LEU A 57 -6.35 16.31 6.22
N GLN A 58 -5.64 17.30 6.74
CA GLN A 58 -5.22 18.42 5.90
C GLN A 58 -4.21 17.97 4.85
N THR A 59 -3.23 17.16 5.24
CA THR A 59 -2.27 16.66 4.24
C THR A 59 -3.00 15.80 3.21
N LEU A 60 -3.95 14.97 3.68
CA LEU A 60 -4.76 14.15 2.79
C LEU A 60 -5.54 15.00 1.80
N ARG A 61 -6.17 16.09 2.28
CA ARG A 61 -6.94 16.98 1.41
C ARG A 61 -6.04 17.67 0.40
N GLU A 62 -4.86 18.10 0.83
CA GLU A 62 -3.95 18.76 -0.09
C GLU A 62 -3.48 17.78 -1.16
N ASN A 63 -3.30 16.52 -0.78
CA ASN A 63 -2.89 15.52 -1.74
C ASN A 63 -4.02 15.22 -2.74
N VAL A 64 -5.26 15.18 -2.24
CA VAL A 64 -6.42 15.05 -3.13
C VAL A 64 -6.44 16.20 -4.13
N ARG A 65 -6.14 17.41 -3.66
CA ARG A 65 -6.20 18.57 -4.54
C ARG A 65 -5.05 18.58 -5.55
N LYS A 66 -3.91 18.00 -5.19
CA LYS A 66 -2.83 17.84 -6.15
C LYS A 66 -3.04 16.71 -7.13
N ARG A 67 -4.20 16.04 -7.10
CA ARG A 67 -4.52 14.95 -8.03
C ARG A 67 -3.52 13.80 -7.87
N LEU A 68 -3.13 13.53 -6.61
CA LEU A 68 -2.19 12.48 -6.28
C LEU A 68 -2.80 11.08 -6.16
N TYR A 69 -4.13 10.97 -6.16
CA TYR A 69 -4.85 9.72 -5.94
C TYR A 69 -5.65 9.37 -7.18
N PRO A 70 -5.22 8.40 -7.98
CA PRO A 70 -6.03 7.98 -9.13
C PRO A 70 -7.12 6.96 -8.81
N SER A 71 -7.27 6.52 -7.56
CA SER A 71 -8.30 5.54 -7.23
C SER A 71 -8.65 5.62 -5.75
N ARG A 72 -9.72 4.92 -5.38
CA ARG A 72 -10.10 4.76 -3.97
C ARG A 72 -8.93 4.29 -3.14
N GLU A 73 -8.11 3.37 -3.68
CA GLU A 73 -7.21 2.59 -2.84
C GLU A 73 -6.05 3.42 -2.32
N GLU A 74 -5.47 4.32 -3.15
CA GLU A 74 -4.35 5.13 -2.66
C GLU A 74 -4.82 6.11 -1.61
N PHE A 75 -6.01 6.66 -1.83
CA PHE A 75 -6.63 7.54 -0.86
C PHE A 75 -6.86 6.78 0.45
N ARG A 76 -7.46 5.60 0.37
CA ARG A 76 -7.78 4.87 1.59
C ARG A 76 -6.52 4.46 2.34
N GLU A 77 -5.45 4.08 1.62
CA GLU A 77 -4.21 3.70 2.27
C GLU A 77 -3.64 4.86 3.08
N HIS A 78 -3.65 6.07 2.50
CA HIS A 78 -3.19 7.22 3.27
C HIS A 78 -4.13 7.51 4.45
N LEU A 79 -5.45 7.39 4.24
CA LEU A 79 -6.36 7.61 5.34
C LEU A 79 -6.13 6.60 6.46
N GLU A 80 -5.90 5.34 6.10
CA GLU A 80 -5.66 4.28 7.09
C GLU A 80 -4.39 4.53 7.90
N LEU A 81 -3.40 5.22 7.32
CA LEU A 81 -2.22 5.56 8.12
C LEU A 81 -2.58 6.33 9.38
N ILE A 82 -3.59 7.20 9.31
CA ILE A 82 -3.99 7.98 10.49
C ILE A 82 -4.35 7.05 11.65
N VAL A 83 -5.13 6.01 11.35
CA VAL A 83 -5.54 5.04 12.36
C VAL A 83 -4.34 4.23 12.84
N LYS A 84 -3.56 3.69 11.90
CA LYS A 84 -2.42 2.87 12.30
C LYS A 84 -1.43 3.66 13.15
N ASN A 85 -1.16 4.92 12.75
CA ASN A 85 -0.25 5.74 13.53
C ASN A 85 -0.77 5.99 14.91
N SER A 86 -2.07 6.27 15.05
CA SER A 86 -2.63 6.49 16.38
C SER A 86 -2.56 5.21 17.22
N ALA A 87 -2.87 4.06 16.60
CA ALA A 87 -2.80 2.78 17.32
C ALA A 87 -1.38 2.53 17.85
N THR A 88 -0.36 2.86 17.05
CA THR A 88 1.02 2.63 17.48
C THR A 88 1.41 3.62 18.57
N TYR A 89 1.12 4.90 18.36
CA TYR A 89 1.62 5.92 19.28
C TYR A 89 0.72 6.05 20.51
N ASN A 90 -0.58 6.15 20.30
CA ASN A 90 -1.51 6.34 21.41
C ASN A 90 -1.99 5.03 22.04
N GLY A 91 -2.12 3.97 21.23
CA GLY A 91 -2.58 2.69 21.71
C GLY A 91 -3.81 2.22 20.97
N PRO A 92 -3.98 0.89 20.85
CA PRO A 92 -5.07 0.35 20.03
C PRO A 92 -6.45 0.68 20.57
N LYS A 93 -6.58 0.90 21.88
CA LYS A 93 -7.88 1.18 22.46
C LYS A 93 -7.98 2.62 22.91
N HIS A 94 -6.92 3.40 22.72
CA HIS A 94 -6.94 4.79 23.08
C HIS A 94 -8.13 5.44 22.41
N SER A 95 -8.71 6.41 23.11
CA SER A 95 -9.85 7.15 22.57
C SER A 95 -9.53 7.79 21.23
N LEU A 96 -8.30 8.29 21.07
CA LEU A 96 -7.90 8.90 19.79
C LEU A 96 -7.94 7.91 18.64
N THR A 97 -7.51 6.67 18.90
CA THR A 97 -7.57 5.63 17.87
C THR A 97 -9.01 5.29 17.52
N GLN A 98 -9.89 5.20 18.52
CA GLN A 98 -11.31 4.99 18.24
C GLN A 98 -11.89 6.10 17.37
N ILE A 99 -11.51 7.36 17.64
CA ILE A 99 -11.99 8.48 16.82
C ILE A 99 -11.49 8.35 15.38
N SER A 100 -10.20 8.07 15.21
CA SER A 100 -9.67 7.88 13.86
C SER A 100 -10.36 6.71 13.15
N GLN A 101 -10.63 5.62 13.87
CA GLN A 101 -11.35 4.50 13.27
C GLN A 101 -12.74 4.91 12.85
N SER A 102 -13.39 5.79 13.61
CA SER A 102 -14.70 6.26 13.20
C SER A 102 -14.61 6.99 11.88
N MET A 103 -13.49 7.69 11.62
CA MET A 103 -13.38 8.35 10.30
C MET A 103 -13.15 7.32 9.20
N LEU A 104 -12.30 6.33 9.44
CA LEU A 104 -12.13 5.29 8.42
C LEU A 104 -13.44 4.57 8.12
N ASP A 105 -14.25 4.32 9.16
CA ASP A 105 -15.56 3.68 8.97
C ASP A 105 -16.48 4.54 8.11
N LEU A 106 -16.49 5.85 8.36
CA LEU A 106 -17.35 6.72 7.54
C LEU A 106 -16.87 6.73 6.10
N CYS A 107 -15.56 6.79 5.90
CA CYS A 107 -15.02 6.70 4.55
C CYS A 107 -15.52 5.44 3.84
N ASP A 108 -15.41 4.29 4.52
CA ASP A 108 -15.81 3.05 3.88
C ASP A 108 -17.30 3.02 3.56
N GLU A 109 -18.14 3.59 4.44
CA GLU A 109 -19.56 3.72 4.09
C GLU A 109 -19.76 4.53 2.82
N LYS A 110 -19.06 5.68 2.73
CA LYS A 110 -19.26 6.54 1.57
C LYS A 110 -18.75 5.88 0.30
N LEU A 111 -17.60 5.21 0.39
CA LEU A 111 -17.05 4.49 -0.76
C LEU A 111 -18.01 3.39 -1.20
N LYS A 112 -18.67 2.73 -0.25
CA LYS A 112 -19.65 1.71 -0.64
C LYS A 112 -20.82 2.33 -1.38
N GLU A 113 -21.32 3.46 -0.91
CA GLU A 113 -22.45 4.10 -1.58
C GLU A 113 -22.12 4.47 -3.03
N LYS A 114 -20.89 4.88 -3.32
CA LYS A 114 -20.52 5.39 -4.63
C LYS A 114 -19.64 4.44 -5.44
N GLU A 115 -19.66 3.14 -5.13
CA GLU A 115 -18.64 2.25 -5.69
C GLU A 115 -18.75 2.13 -7.21
N ASP A 116 -19.97 2.14 -7.76
CA ASP A 116 -20.09 1.99 -9.21
C ASP A 116 -19.58 3.22 -9.94
N LYS A 117 -19.94 4.41 -9.46
CA LYS A 117 -19.42 5.64 -10.05
C LYS A 117 -17.91 5.70 -9.90
N LEU A 118 -17.41 5.38 -8.70
CA LEU A 118 -15.97 5.41 -8.48
C LEU A 118 -15.26 4.42 -9.39
N ALA A 119 -15.83 3.22 -9.56
CA ALA A 119 -15.23 2.25 -10.47
C ALA A 119 -15.16 2.81 -11.88
N ARG A 120 -16.20 3.53 -12.30
CA ARG A 120 -16.20 4.03 -13.68
C ARG A 120 -15.12 5.10 -13.85
N LEU A 121 -15.03 6.01 -12.87
CA LEU A 121 -13.99 7.03 -12.95
C LEU A 121 -12.60 6.40 -12.93
N GLU A 122 -12.41 5.40 -12.07
CA GLU A 122 -11.10 4.76 -11.96
C GLU A 122 -10.72 4.08 -13.26
N LYS A 123 -11.68 3.45 -13.92
CA LYS A 123 -11.42 2.82 -15.21
C LYS A 123 -11.11 3.85 -16.28
N ALA A 124 -11.77 5.01 -16.22
CA ALA A 124 -11.49 6.07 -17.17
C ALA A 124 -10.14 6.72 -16.91
N ILE A 125 -9.71 6.78 -15.66
CA ILE A 125 -8.40 7.33 -15.36
C ILE A 125 -7.31 6.35 -15.78
N ASN A 126 -7.51 5.05 -15.55
CA ASN A 126 -6.50 4.05 -15.85
C ASN A 126 -7.24 2.83 -16.42
N PRO A 127 -7.36 2.76 -17.75
CA PRO A 127 -8.10 1.63 -18.37
C PRO A 127 -7.55 0.26 -18.03
N LEU A 128 -6.29 0.17 -17.59
CA LEU A 128 -5.72 -1.14 -17.29
C LEU A 128 -6.39 -1.78 -16.08
N LEU A 129 -7.00 -0.98 -15.20
CA LEU A 129 -7.71 -1.57 -14.07
C LEU A 129 -8.88 -2.42 -14.51
N ASP A 130 -9.36 -2.22 -15.75
CA ASP A 130 -10.46 -3.00 -16.29
C ASP A 130 -10.01 -4.04 -17.30
N ASP A 131 -8.70 -4.17 -17.53
CA ASP A 131 -8.18 -5.07 -18.55
C ASP A 131 -8.02 -6.47 -17.99
N ASP A 132 -8.64 -7.47 -18.65
CA ASP A 132 -8.63 -8.82 -18.09
C ASP A 132 -7.24 -9.44 -18.06
N ASP A 133 -6.34 -9.04 -18.96
CA ASP A 133 -4.99 -9.61 -18.87
C ASP A 133 -4.23 -9.04 -17.68
N GLN A 134 -4.35 -7.73 -17.43
CA GLN A 134 -3.77 -7.16 -16.22
C GLN A 134 -4.35 -7.82 -14.97
N VAL A 135 -5.67 -8.02 -14.93
CA VAL A 135 -6.31 -8.61 -13.76
C VAL A 135 -5.80 -10.03 -13.52
N ALA A 136 -5.71 -10.83 -14.60
CA ALA A 136 -5.22 -12.20 -14.45
C ALA A 136 -3.75 -12.22 -14.02
N PHE A 137 -2.95 -11.31 -14.57
CA PHE A 137 -1.54 -11.24 -14.21
C PHE A 137 -1.39 -10.92 -12.71
N SER A 138 -2.13 -9.91 -12.24
CA SER A 138 -2.07 -9.54 -10.83
C SER A 138 -2.57 -10.68 -9.94
N PHE A 139 -3.60 -11.39 -10.40
CA PHE A 139 -4.12 -12.51 -9.63
C PHE A 139 -3.06 -13.60 -9.45
N ILE A 140 -2.32 -13.89 -10.52
CA ILE A 140 -1.25 -14.89 -10.42
C ILE A 140 -0.16 -14.42 -9.46
N LEU A 141 0.28 -13.16 -9.61
CA LEU A 141 1.30 -12.63 -8.71
C LEU A 141 0.85 -12.69 -7.24
N ASP A 142 -0.41 -12.35 -6.98
CA ASP A 142 -0.90 -12.37 -5.59
C ASP A 142 -0.87 -13.78 -5.05
N ASN A 143 -1.22 -14.75 -5.89
CA ASN A 143 -1.20 -16.14 -5.45
C ASN A 143 0.22 -16.62 -5.18
N ILE A 144 1.19 -16.17 -5.97
CA ILE A 144 2.57 -16.52 -5.66
C ILE A 144 2.95 -15.96 -4.31
N VAL A 145 2.55 -14.72 -4.03
CA VAL A 145 2.89 -14.12 -2.74
C VAL A 145 2.22 -14.87 -1.59
N THR A 146 0.90 -15.11 -1.67
CA THR A 146 0.21 -15.69 -0.50
C THR A 146 0.44 -17.18 -0.36
N GLN A 147 0.50 -17.92 -1.47
CA GLN A 147 0.53 -19.38 -1.40
C GLN A 147 1.93 -19.96 -1.42
N LYS A 148 2.91 -19.22 -1.93
CA LYS A 148 4.26 -19.76 -2.00
C LYS A 148 5.18 -18.97 -1.08
N MET A 149 5.24 -17.65 -1.27
CA MET A 149 6.23 -16.82 -0.58
C MET A 149 5.87 -16.65 0.89
N MET A 150 4.61 -16.36 1.20
CA MET A 150 4.29 -16.24 2.61
C MET A 150 4.27 -17.57 3.33
N ALA A 151 4.29 -18.68 2.58
CA ALA A 151 4.36 -20.02 3.15
C ALA A 151 5.76 -20.47 3.50
N VAL A 152 6.80 -19.71 3.16
CA VAL A 152 8.13 -20.11 3.59
C VAL A 152 8.17 -20.15 5.11
N PRO A 153 8.69 -21.22 5.72
CA PRO A 153 8.72 -21.28 7.18
C PRO A 153 9.46 -20.08 7.79
N ASP A 154 8.89 -19.56 8.87
CA ASP A 154 9.49 -18.46 9.63
C ASP A 154 9.70 -17.21 8.76
N SER A 155 8.86 -17.03 7.74
CA SER A 155 8.93 -15.85 6.90
C SER A 155 8.27 -14.62 7.54
N TRP A 156 7.74 -14.75 8.76
CA TRP A 156 7.01 -13.66 9.40
C TRP A 156 7.75 -12.31 9.43
N PRO A 157 9.08 -12.23 9.58
CA PRO A 157 9.70 -10.88 9.61
C PRO A 157 9.46 -10.08 8.35
N PHE A 158 9.13 -10.76 7.24
CA PHE A 158 9.01 -10.12 5.94
C PHE A 158 7.57 -9.96 5.48
N HIS A 159 6.58 -10.34 6.29
CA HIS A 159 5.19 -10.22 5.86
C HIS A 159 4.64 -8.81 5.91
N HIS A 160 5.18 -7.94 6.76
CA HIS A 160 4.57 -6.64 6.98
C HIS A 160 5.71 -5.65 7.13
N PRO A 161 5.44 -4.35 6.97
CA PRO A 161 6.47 -3.35 7.26
C PRO A 161 6.92 -3.41 8.72
N VAL A 162 8.22 -3.21 8.93
CA VAL A 162 8.74 -3.13 10.30
C VAL A 162 8.09 -1.95 11.01
N ASN A 163 7.68 -2.17 12.25
CA ASN A 163 7.13 -1.13 13.10
C ASN A 163 8.28 -0.48 13.87
N LYS A 164 8.52 0.80 13.58
CA LYS A 164 9.65 1.48 14.20
C LYS A 164 9.52 1.50 15.73
N LYS A 165 8.30 1.39 16.26
CA LYS A 165 8.14 1.29 17.70
C LYS A 165 8.85 0.05 18.26
N PHE A 166 8.85 -1.05 17.50
CA PHE A 166 9.42 -2.30 17.99
C PHE A 166 10.87 -2.51 17.55
N VAL A 167 11.31 -1.89 16.47
CA VAL A 167 12.69 -1.97 16.00
C VAL A 167 13.17 -0.54 15.77
N PRO A 168 13.59 0.17 16.82
CA PRO A 168 13.70 1.63 16.70
C PRO A 168 14.75 2.08 15.71
N ASP A 169 15.79 1.28 15.44
CA ASP A 169 16.84 1.71 14.53
C ASP A 169 16.66 1.19 13.12
N TYR A 170 15.54 0.51 12.82
CA TYR A 170 15.42 -0.21 11.55
C TYR A 170 15.54 0.75 10.37
N TYR A 171 14.88 1.91 10.47
CA TYR A 171 14.78 2.81 9.34
C TYR A 171 15.95 3.77 9.27
N LYS A 172 16.88 3.65 10.24
CA LYS A 172 18.13 4.44 10.14
C LYS A 172 19.06 3.62 9.24
N VAL A 173 18.86 2.30 9.18
CA VAL A 173 19.64 1.44 8.31
C VAL A 173 18.96 1.23 6.96
N ILE A 174 17.67 0.98 6.97
CA ILE A 174 16.91 0.63 5.77
C ILE A 174 16.09 1.84 5.34
N VAL A 175 16.55 2.54 4.30
CA VAL A 175 15.83 3.72 3.82
C VAL A 175 14.88 3.42 2.68
N ASN A 176 15.03 2.27 2.03
CA ASN A 176 14.14 1.82 0.95
C ASN A 176 13.47 0.52 1.38
N PRO A 177 12.58 0.56 2.38
CA PRO A 177 12.00 -0.69 2.91
C PRO A 177 11.05 -1.34 1.92
N MET A 178 10.89 -2.66 2.07
CA MET A 178 9.93 -3.42 1.27
C MET A 178 9.51 -4.67 2.04
N ASP A 179 8.28 -5.13 1.81
CA ASP A 179 7.76 -6.29 2.51
C ASP A 179 6.65 -6.90 1.66
N LEU A 180 6.21 -8.09 2.05
CA LEU A 180 5.24 -8.80 1.22
C LEU A 180 3.88 -8.14 1.25
N GLU A 181 3.49 -7.52 2.37
CA GLU A 181 2.19 -6.84 2.39
C GLU A 181 2.17 -5.66 1.42
N THR A 182 3.25 -4.87 1.42
CA THR A 182 3.34 -3.75 0.48
C THR A 182 3.28 -4.24 -0.95
N ILE A 183 3.94 -5.36 -1.25
CA ILE A 183 3.87 -5.95 -2.58
C ILE A 183 2.43 -6.34 -2.90
N ARG A 184 1.73 -6.95 -1.95
CA ARG A 184 0.32 -7.30 -2.20
C ARG A 184 -0.51 -6.05 -2.48
N LYS A 185 -0.24 -4.98 -1.74
CA LYS A 185 -0.93 -3.72 -2.01
C LYS A 185 -0.62 -3.19 -3.41
N ASN A 186 0.64 -3.25 -3.81
CA ASN A 186 1.04 -2.85 -5.15
C ASN A 186 0.33 -3.69 -6.21
N ILE A 187 0.25 -5.00 -5.98
CA ILE A 187 -0.45 -5.92 -6.88
C ILE A 187 -1.93 -5.57 -6.96
N SER A 188 -2.54 -5.28 -5.80
CA SER A 188 -3.95 -4.96 -5.77
C SER A 188 -4.25 -3.69 -6.55
N LYS A 189 -3.31 -2.76 -6.59
CA LYS A 189 -3.42 -1.54 -7.39
C LYS A 189 -2.94 -1.74 -8.82
N HIS A 190 -2.56 -2.98 -9.19
CA HIS A 190 -2.08 -3.31 -10.54
C HIS A 190 -0.86 -2.46 -10.92
N LYS A 191 0.06 -2.29 -9.95
CA LYS A 191 1.28 -1.53 -10.18
C LYS A 191 2.22 -2.26 -11.13
N TYR A 192 2.15 -3.58 -11.18
CA TYR A 192 3.09 -4.39 -11.94
C TYR A 192 2.47 -4.82 -13.26
N GLN A 193 3.09 -4.40 -14.35
CA GLN A 193 2.72 -4.81 -15.70
C GLN A 193 3.60 -5.93 -16.24
N SER A 194 4.65 -6.31 -15.52
CA SER A 194 5.49 -7.43 -15.92
C SER A 194 6.31 -7.88 -14.72
N ARG A 195 7.04 -8.98 -14.92
CA ARG A 195 7.79 -9.59 -13.83
C ARG A 195 8.98 -8.75 -13.38
N GLU A 196 9.49 -7.86 -14.22
CA GLU A 196 10.68 -7.08 -13.87
C GLU A 196 10.42 -6.19 -12.66
N SER A 197 9.33 -5.42 -12.69
CA SER A 197 9.04 -4.52 -11.58
C SER A 197 8.68 -5.28 -10.30
N PHE A 198 7.93 -6.36 -10.46
CA PHE A 198 7.60 -7.21 -9.31
C PHE A 198 8.88 -7.72 -8.68
N LEU A 199 9.84 -8.19 -9.50
CA LEU A 199 11.08 -8.74 -8.98
C LEU A 199 11.98 -7.66 -8.41
N ASP A 200 11.86 -6.42 -8.90
CA ASP A 200 12.58 -5.32 -8.25
C ASP A 200 12.15 -5.22 -6.79
N ASP A 201 10.84 -5.28 -6.56
CA ASP A 201 10.36 -5.18 -5.18
C ASP A 201 10.68 -6.43 -4.37
N VAL A 202 10.50 -7.62 -4.95
CA VAL A 202 10.85 -8.84 -4.23
C VAL A 202 12.32 -8.82 -3.80
N ASN A 203 13.22 -8.49 -4.73
CA ASN A 203 14.63 -8.50 -4.40
C ASN A 203 14.99 -7.41 -3.38
N LEU A 204 14.23 -6.31 -3.33
CA LEU A 204 14.53 -5.30 -2.31
C LEU A 204 14.38 -5.85 -0.88
N ILE A 205 13.44 -6.79 -0.68
CA ILE A 205 13.29 -7.44 0.63
C ILE A 205 14.59 -8.16 1.01
N LEU A 206 15.17 -8.89 0.05
CA LEU A 206 16.38 -9.65 0.33
C LEU A 206 17.57 -8.71 0.52
N ALA A 207 17.70 -7.69 -0.33
CA ALA A 207 18.80 -6.74 -0.17
C ALA A 207 18.76 -6.08 1.19
N ASN A 208 17.56 -5.68 1.64
CA ASN A 208 17.42 -5.08 2.96
C ASN A 208 17.74 -6.06 4.07
N SER A 209 17.43 -7.34 3.89
CA SER A 209 17.82 -8.29 4.92
C SER A 209 19.33 -8.43 4.98
N VAL A 210 19.99 -8.51 3.82
CA VAL A 210 21.45 -8.55 3.82
C VAL A 210 22.02 -7.35 4.55
N LYS A 211 21.48 -6.15 4.26
CA LYS A 211 22.00 -4.93 4.84
C LYS A 211 21.76 -4.86 6.35
N TYR A 212 20.55 -5.17 6.79
CA TYR A 212 20.22 -4.95 8.19
C TYR A 212 20.69 -6.11 9.08
N ASN A 213 20.55 -7.34 8.63
CA ASN A 213 20.83 -8.53 9.43
C ASN A 213 22.17 -9.15 9.13
N GLY A 214 22.69 -8.96 7.92
CA GLY A 214 23.94 -9.55 7.53
C GLY A 214 23.74 -10.69 6.55
N PRO A 215 24.76 -10.93 5.73
CA PRO A 215 24.65 -11.95 4.69
C PRO A 215 24.49 -13.37 5.22
N GLU A 216 24.92 -13.64 6.45
CA GLU A 216 24.91 -14.99 6.98
C GLU A 216 23.81 -15.20 8.00
N SER A 217 23.00 -14.18 8.24
CA SER A 217 21.89 -14.25 9.17
C SER A 217 20.86 -15.31 8.76
N GLN A 218 20.20 -15.91 9.76
CA GLN A 218 19.05 -16.77 9.49
C GLN A 218 17.91 -16.00 8.82
N TYR A 219 17.74 -14.71 9.18
CA TYR A 219 16.77 -13.87 8.52
C TYR A 219 17.01 -13.81 7.03
N THR A 220 18.28 -13.68 6.64
CA THR A 220 18.63 -13.60 5.22
C THR A 220 18.47 -14.96 4.53
N LYS A 221 18.75 -16.07 5.21
CA LYS A 221 18.48 -17.37 4.60
C LYS A 221 16.99 -17.54 4.32
N THR A 222 16.14 -17.09 5.25
CA THR A 222 14.70 -17.11 5.02
C THR A 222 14.31 -16.21 3.83
N ALA A 223 14.85 -14.99 3.79
CA ALA A 223 14.55 -14.10 2.67
C ALA A 223 15.04 -14.68 1.34
N GLN A 224 16.20 -15.33 1.36
CA GLN A 224 16.70 -15.98 0.15
C GLN A 224 15.73 -17.07 -0.31
N GLU A 225 15.14 -17.80 0.64
CA GLU A 225 14.19 -18.84 0.27
C GLU A 225 12.93 -18.22 -0.32
N ILE A 226 12.48 -17.09 0.25
CA ILE A 226 11.33 -16.36 -0.31
C ILE A 226 11.59 -15.97 -1.77
N VAL A 227 12.76 -15.41 -2.02
CA VAL A 227 13.10 -14.99 -3.38
C VAL A 227 13.20 -16.19 -4.31
N ASN A 228 13.81 -17.29 -3.82
CA ASN A 228 13.99 -18.48 -4.63
C ASN A 228 12.66 -19.14 -4.99
N VAL A 229 11.72 -19.19 -4.04
CA VAL A 229 10.44 -19.80 -4.35
C VAL A 229 9.65 -18.90 -5.30
N CYS A 230 9.90 -17.58 -5.24
CA CYS A 230 9.33 -16.67 -6.23
C CYS A 230 9.85 -17.00 -7.63
N TYR A 231 11.17 -17.14 -7.78
CA TYR A 231 11.72 -17.50 -9.09
C TYR A 231 11.20 -18.86 -9.57
N GLN A 232 11.17 -19.85 -8.68
CA GLN A 232 10.72 -21.18 -9.05
C GLN A 232 9.30 -21.15 -9.59
N THR A 233 8.43 -20.38 -8.93
CA THR A 233 7.03 -20.33 -9.33
C THR A 233 6.80 -19.50 -10.58
N LEU A 234 7.50 -18.37 -10.71
CA LEU A 234 7.44 -17.62 -11.97
C LEU A 234 7.87 -18.49 -13.14
N THR A 235 8.90 -19.31 -12.95
CA THR A 235 9.37 -20.18 -14.01
C THR A 235 8.33 -21.20 -14.37
N GLU A 236 7.60 -21.71 -13.37
CA GLU A 236 6.58 -22.72 -13.65
C GLU A 236 5.46 -22.15 -14.51
N TYR A 237 5.12 -20.88 -14.30
CA TYR A 237 4.07 -20.18 -15.03
C TYR A 237 4.62 -19.30 -16.15
N ASP A 238 5.85 -19.54 -16.61
CA ASP A 238 6.50 -18.61 -17.53
C ASP A 238 5.65 -18.35 -18.77
N GLU A 239 5.00 -19.38 -19.30
CA GLU A 239 4.48 -19.26 -20.66
C GLU A 239 3.16 -18.47 -20.66
N HIS A 240 2.34 -18.72 -19.64
CA HIS A 240 1.13 -17.93 -19.42
C HIS A 240 1.48 -16.49 -19.06
N LEU A 241 2.46 -16.31 -18.18
CA LEU A 241 2.85 -14.96 -17.79
C LEU A 241 3.39 -14.19 -18.98
N THR A 242 4.11 -14.88 -19.88
CA THR A 242 4.62 -14.22 -21.08
C THR A 242 3.46 -13.77 -21.95
N GLN A 243 2.42 -14.60 -22.06
CA GLN A 243 1.25 -14.20 -22.85
C GLN A 243 0.57 -13.01 -22.22
N LEU A 244 0.41 -13.04 -20.90
CA LEU A 244 -0.22 -11.92 -20.20
C LEU A 244 0.59 -10.65 -20.36
N GLU A 245 1.91 -10.74 -20.24
CA GLU A 245 2.74 -9.54 -20.37
C GLU A 245 2.68 -8.94 -21.77
N LYS A 246 2.68 -9.79 -22.80
CA LYS A 246 2.57 -9.29 -24.17
C LYS A 246 1.24 -8.57 -24.38
N ASP A 247 0.16 -9.19 -23.91
CA ASP A 247 -1.16 -8.58 -24.12
C ASP A 247 -1.36 -7.35 -23.25
N ILE A 248 -0.74 -7.29 -22.07
CA ILE A 248 -0.83 -6.08 -21.25
C ILE A 248 -0.10 -4.94 -21.94
N CYS A 249 1.11 -5.21 -22.46
CA CYS A 249 1.83 -4.17 -23.20
C CYS A 249 0.99 -3.65 -24.36
N THR A 250 0.36 -4.55 -25.12
CA THR A 250 -0.49 -4.13 -26.23
C THR A 250 -1.66 -3.26 -25.77
N ALA A 251 -2.33 -3.65 -24.68
CA ALA A 251 -3.40 -2.84 -24.13
C ALA A 251 -2.89 -1.47 -23.70
N LYS A 252 -1.71 -1.46 -23.07
CA LYS A 252 -1.10 -0.24 -22.59
C LYS A 252 -0.81 0.71 -23.76
N GLU A 253 -0.32 0.16 -24.89
CA GLU A 253 -0.04 1.02 -26.04
C GLU A 253 -1.33 1.53 -26.67
N ALA A 254 -2.38 0.70 -26.67
CA ALA A 254 -3.62 1.12 -27.30
C ALA A 254 -4.30 2.20 -26.47
N ALA A 255 -3.99 2.26 -25.18
CA ALA A 255 -4.53 3.29 -24.29
C ALA A 255 -3.85 4.63 -24.53
N LEU A 256 -3.49 4.92 -25.77
CA LEU A 256 -2.69 6.11 -26.06
C LEU A 256 -3.26 6.83 -27.26
C10 XXV B . 13.94 -8.18 11.85
C15 XXV B . 12.54 -7.58 10.03
C17 XXV B . 10.56 -7.81 14.34
C20 XXV B . 10.33 -7.10 18.11
C22 XXV B . 12.12 -8.59 17.72
C24 XXV B . 12.90 -9.49 15.81
C03 XXV B . 7.77 -6.89 12.01
C04 XXV B . 6.96 -8.17 11.73
C05 XXV B . 6.95 -7.02 10.72
C06 XXV B . 9.14 -7.34 12.58
C07 XXV B . 10.19 -7.62 11.69
C08 XXV B . 11.43 -7.99 12.24
C11 XXV B . 14.32 -6.69 12.11
C12 XXV B . 14.93 -8.78 10.85
C14 XXV B . 13.57 -8.14 9.05
C18 XXV B . 10.83 -7.87 15.84
C19 XXV B . 10.06 -7.08 16.74
C23 XXV B . 11.91 -8.62 16.36
C25 XXV B . 13.66 -9.95 16.87
N01 XXV B . 5.40 -5.24 12.72
N09 XXV B . 12.56 -8.27 11.33
N16 XXV B . 11.58 -8.06 13.55
N21 XXV B . 11.33 -7.83 18.56
N26 XXV B . 13.19 -9.41 18.02
N27 XXV B . 9.36 -7.44 13.87
O13 XXV B . 14.85 -8.17 9.61
O28 XXV B . 7.87 -4.56 13.35
O29 XXV B . 6.99 -6.24 14.57
S02 XXV B . 6.98 -5.73 13.19
C1 EDO C . -8.45 19.66 7.28
O1 EDO C . -8.41 19.46 5.87
C2 EDO C . -9.61 18.86 7.87
O2 EDO C . -10.80 19.18 7.15
#